data_9JGM
#
_entry.id   9JGM
#
_cell.length_a   144.416
_cell.length_b   144.416
_cell.length_c   161.788
_cell.angle_alpha   90.000
_cell.angle_beta   90.000
_cell.angle_gamma   120.000
#
_symmetry.space_group_name_H-M   'P 61'
#
loop_
_entity.id
_entity.type
_entity.pdbx_description
1 polymer 'yybP riboswitch'
2 non-polymer 'MAGNESIUM ION'
3 non-polymer 'MANGANESE (II) ION'
#
_entity_poly.entity_id   1
_entity_poly.type   'polyribonucleotide'
_entity_poly.pdbx_seq_one_letter_code
;GGAAGGGGAGUAACUUCAUUGCCGGUCGAUCGUCAUUACGAUGUGUGAAAACACAUCCGGUCACCGGGCAACCUGCCGAA
AGGCAGGUUGUAAGUGAGACCUUCC
;
_entity_poly.pdbx_strand_id   C,A,D,B
#